data_4PXW
#
_entry.id   4PXW
#
_cell.length_a   74.888
_cell.length_b   99.422
_cell.length_c   84.900
_cell.angle_alpha   90.000
_cell.angle_beta   90.000
_cell.angle_gamma   90.000
#
_symmetry.space_group_name_H-M   'P 21 21 2'
#
loop_
_entity.id
_entity.type
_entity.pdbx_description
1 polymer 'Protein VPRBP'
2 non-polymer 'UNKNOWN ATOM OR ION'
3 water water
#
_entity_poly.entity_id   1
_entity_poly.type   'polypeptide(L)'
_entity_poly.pdbx_seq_one_letter_code
;MHHHHHHSSGRENLYFQGEPKQRRQAPINFTSRLNRRASFPKYGGVDGGCFDRHLIFSRFRPISVFREANEDESGFTCCA
FSARERFLMLGTCTGQLKLYNVFSGQEEASYNCHNSAITHLEPSRDGSLLLTSATWSQPLSALWGMKSVFDMKHSFTEDH
YVEFSKHSQDRVIGTKGDIAHIYDIQTGNKLLTLFNPDLANNYKRNCATFNPTDDLVLNDGVLWDVRSALAIHKFDKFNM
NISGVFHPNGLEVIINTEIWDLRTFHLLHTVPALDQCRVVFNHTGTVMYGAMLQADDEDDLMEERMKSPFGSSFRTFNAT
DYKPIATIDVKRNIFDLCTDTKDCYLAVIENQGSMDALNMDTVCRLYEVGRQRLAEDEDEE
;
_entity_poly.pdbx_strand_id   A,B
#
# COMPACT_ATOMS: atom_id res chain seq x y z
N PHE A 60 5.68 5.85 14.72
CA PHE A 60 5.46 5.89 13.23
C PHE A 60 5.46 4.50 12.63
N ARG A 61 4.32 3.86 12.74
CA ARG A 61 4.13 2.53 12.23
C ARG A 61 3.58 2.66 10.83
N PRO A 62 4.24 2.02 9.82
CA PRO A 62 3.64 2.09 8.47
C PRO A 62 2.33 1.36 8.44
N ILE A 63 1.34 1.96 7.78
CA ILE A 63 -0.06 1.51 7.71
C ILE A 63 -0.44 1.23 6.24
N SER A 64 0.16 1.95 5.31
CA SER A 64 -0.18 1.82 3.93
C SER A 64 0.90 2.42 3.06
N VAL A 65 0.96 1.96 1.83
CA VAL A 65 1.90 2.47 0.83
C VAL A 65 1.23 2.33 -0.52
N PHE A 66 1.51 3.25 -1.44
CA PHE A 66 1.06 3.07 -2.81
C PHE A 66 1.84 3.97 -3.77
N ARG A 67 1.80 3.58 -5.03
CA ARG A 67 2.47 4.36 -6.07
C ARG A 67 1.41 4.87 -7.05
N GLU A 68 1.83 5.73 -7.99
CA GLU A 68 0.89 6.33 -8.94
C GLU A 68 0.52 5.24 -9.97
N ALA A 69 -0.74 4.89 -10.01
CA ALA A 69 -1.23 3.86 -10.94
C ALA A 69 -0.80 4.08 -12.41
N ASN A 70 -0.45 2.99 -13.07
CA ASN A 70 -0.15 3.04 -14.51
C ASN A 70 0.99 3.95 -14.92
N GLU A 71 1.93 4.22 -14.03
CA GLU A 71 3.09 5.02 -14.35
C GLU A 71 4.31 4.23 -13.89
N ASP A 72 5.22 3.96 -14.83
CA ASP A 72 6.52 3.39 -14.48
C ASP A 72 7.36 4.30 -13.60
N GLU A 73 7.25 5.59 -13.81
CA GLU A 73 7.92 6.59 -13.00
C GLU A 73 6.82 7.27 -12.19
N SER A 74 6.58 6.78 -10.97
CA SER A 74 5.50 7.37 -10.19
C SER A 74 5.83 8.80 -9.84
N GLY A 75 4.89 9.69 -10.04
CA GLY A 75 5.22 11.13 -10.03
C GLY A 75 4.50 11.95 -8.98
N PHE A 76 4.09 11.35 -7.86
CA PHE A 76 3.49 12.17 -6.79
C PHE A 76 4.49 13.21 -6.28
N THR A 77 4.04 14.44 -6.14
CA THR A 77 4.89 15.53 -5.66
C THR A 77 4.39 16.22 -4.37
N CYS A 78 3.11 16.08 -4.03
CA CYS A 78 2.59 16.72 -2.83
C CYS A 78 1.33 16.01 -2.42
N CYS A 79 0.89 16.23 -1.19
CA CYS A 79 -0.29 15.55 -0.72
C CYS A 79 -0.96 16.31 0.43
N ALA A 80 -2.25 16.08 0.55
CA ALA A 80 -3.08 16.63 1.61
C ALA A 80 -4.30 15.74 1.74
N PHE A 81 -4.73 15.53 2.98
CA PHE A 81 -5.97 14.80 3.18
C PHE A 81 -7.18 15.63 2.65
N SER A 82 -8.11 14.96 2.02
CA SER A 82 -9.40 15.59 1.67
C SER A 82 -10.24 15.66 2.94
N ALA A 83 -11.32 16.41 2.88
CA ALA A 83 -12.27 16.47 3.97
C ALA A 83 -12.94 15.12 4.22
N ARG A 84 -12.85 14.16 3.30
CA ARG A 84 -13.27 12.79 3.59
C ARG A 84 -12.07 12.00 3.99
N GLU A 85 -12.11 11.50 5.23
CA GLU A 85 -10.95 10.93 5.96
C GLU A 85 -10.10 9.85 5.21
N ARG A 86 -10.80 9.02 4.44
CA ARG A 86 -10.21 7.85 3.83
C ARG A 86 -9.47 8.20 2.52
N PHE A 87 -9.60 9.45 2.10
CA PHE A 87 -9.09 9.87 0.79
C PHE A 87 -8.03 10.98 0.85
N LEU A 88 -6.93 10.74 0.15
CA LEU A 88 -5.82 11.65 0.11
C LEU A 88 -5.80 12.27 -1.26
N MET A 89 -5.58 13.57 -1.33
CA MET A 89 -5.35 14.27 -2.59
C MET A 89 -3.88 14.38 -2.82
N LEU A 90 -3.46 14.13 -4.05
CA LEU A 90 -2.07 14.22 -4.38
C LEU A 90 -1.88 14.95 -5.68
N GLY A 91 -0.86 15.78 -5.73
CA GLY A 91 -0.47 16.44 -7.00
C GLY A 91 0.63 15.66 -7.62
N THR A 92 0.84 15.81 -8.94
CA THR A 92 1.87 15.04 -9.62
C THR A 92 2.80 15.92 -10.43
N CYS A 93 3.92 15.36 -10.80
CA CYS A 93 4.92 16.10 -11.58
C CYS A 93 4.48 16.49 -12.98
N THR A 94 3.36 15.96 -13.46
CA THR A 94 2.88 16.36 -14.77
C THR A 94 1.64 17.23 -14.65
N GLY A 95 1.32 17.66 -13.43
CA GLY A 95 0.22 18.62 -13.22
C GLY A 95 -1.18 18.07 -12.95
N GLN A 96 -1.29 16.76 -12.69
CA GLN A 96 -2.55 16.17 -12.39
C GLN A 96 -2.78 16.23 -10.88
N LEU A 97 -4.05 16.37 -10.54
CA LEU A 97 -4.56 16.13 -9.21
C LEU A 97 -5.16 14.75 -9.20
N LYS A 98 -4.82 13.97 -8.18
CA LYS A 98 -5.30 12.62 -8.01
C LYS A 98 -6.00 12.51 -6.64
N LEU A 99 -7.03 11.72 -6.59
CA LEU A 99 -7.72 11.32 -5.36
C LEU A 99 -7.49 9.84 -5.20
N TYR A 100 -6.90 9.46 -4.05
CA TYR A 100 -6.58 8.06 -3.76
C TYR A 100 -7.25 7.66 -2.47
N ASN A 101 -7.71 6.41 -2.43
CA ASN A 101 -8.06 5.83 -1.17
C ASN A 101 -6.71 5.48 -0.52
N VAL A 102 -6.43 6.09 0.61
CA VAL A 102 -5.12 6.06 1.22
C VAL A 102 -4.82 4.66 1.80
N PHE A 103 -5.88 3.92 2.16
CA PHE A 103 -5.71 2.57 2.71
C PHE A 103 -5.56 1.51 1.65
N SER A 104 -6.32 1.56 0.57
CA SER A 104 -6.22 0.51 -0.46
C SER A 104 -5.21 0.85 -1.54
N GLY A 105 -4.86 2.14 -1.70
CA GLY A 105 -4.02 2.50 -2.88
C GLY A 105 -4.73 2.69 -4.19
N GLN A 106 -6.05 2.61 -4.19
CA GLN A 106 -6.84 2.76 -5.42
C GLN A 106 -6.90 4.19 -5.89
N GLU A 107 -6.55 4.45 -7.15
CA GLU A 107 -6.78 5.77 -7.73
C GLU A 107 -8.27 5.94 -8.03
N GLU A 108 -8.91 6.86 -7.34
CA GLU A 108 -10.38 7.15 -7.51
C GLU A 108 -10.68 8.14 -8.59
N ALA A 109 -9.76 9.08 -8.83
CA ALA A 109 -10.05 10.17 -9.76
C ALA A 109 -8.79 10.93 -10.10
N SER A 110 -8.82 11.50 -11.29
CA SER A 110 -7.72 12.34 -11.77
C SER A 110 -8.34 13.57 -12.45
N TYR A 111 -7.68 14.69 -12.31
CA TYR A 111 -8.07 15.93 -13.05
C TYR A 111 -6.80 16.64 -13.51
N ASN A 112 -6.83 17.16 -14.74
CA ASN A 112 -5.69 17.85 -15.29
C ASN A 112 -5.68 19.34 -14.86
N CYS A 113 -5.19 19.60 -13.68
CA CYS A 113 -5.22 20.94 -13.11
C CYS A 113 -4.24 21.91 -13.77
N HIS A 114 -3.04 21.42 -14.06
CA HIS A 114 -1.98 22.25 -14.64
C HIS A 114 -1.18 21.46 -15.65
N ASN A 115 -0.32 22.16 -16.42
CA ASN A 115 0.59 21.48 -17.32
C ASN A 115 2.03 21.40 -16.83
N SER A 116 2.25 21.62 -15.53
CA SER A 116 3.56 21.48 -14.91
C SER A 116 3.42 20.95 -13.52
N ALA A 117 4.57 20.64 -12.88
CA ALA A 117 4.50 19.94 -11.58
C ALA A 117 3.73 20.74 -10.55
N ILE A 118 2.86 20.03 -9.83
CA ILE A 118 2.19 20.62 -8.64
C ILE A 118 3.11 20.66 -7.47
N THR A 119 3.27 21.85 -6.86
CA THR A 119 4.17 21.99 -5.76
C THR A 119 3.45 22.05 -4.43
N HIS A 120 2.15 22.35 -4.44
CA HIS A 120 1.44 22.58 -3.19
C HIS A 120 -0.05 22.38 -3.45
N LEU A 121 -0.77 21.86 -2.47
CA LEU A 121 -2.20 21.84 -2.55
C LEU A 121 -2.77 22.00 -1.15
N GLU A 122 -3.92 22.63 -1.06
CA GLU A 122 -4.62 22.83 0.25
C GLU A 122 -6.10 22.68 0.05
N PRO A 123 -6.71 21.64 0.62
CA PRO A 123 -8.19 21.50 0.65
C PRO A 123 -8.81 22.36 1.73
N SER A 124 -9.95 22.99 1.45
CA SER A 124 -10.64 23.75 2.47
C SER A 124 -11.21 22.75 3.44
N ARG A 125 -11.44 23.23 4.66
CA ARG A 125 -12.02 22.44 5.76
C ARG A 125 -13.38 21.94 5.43
N ASP A 126 -14.16 22.77 4.72
CA ASP A 126 -15.57 22.41 4.45
C ASP A 126 -15.72 21.40 3.35
N GLY A 127 -14.65 21.03 2.64
CA GLY A 127 -14.77 20.14 1.52
C GLY A 127 -15.17 20.73 0.18
N SER A 128 -15.43 22.02 0.08
CA SER A 128 -15.95 22.59 -1.18
C SER A 128 -14.92 23.20 -2.11
N LEU A 129 -13.72 23.42 -1.58
CA LEU A 129 -12.70 24.15 -2.32
C LEU A 129 -11.30 23.52 -2.21
N LEU A 130 -10.50 23.78 -3.24
CA LEU A 130 -9.07 23.32 -3.25
C LEU A 130 -8.18 24.41 -3.85
N LEU A 131 -7.07 24.71 -3.18
CA LEU A 131 -5.99 25.50 -3.78
C LEU A 131 -4.91 24.59 -4.33
N THR A 132 -4.37 24.98 -5.49
CA THR A 132 -3.17 24.33 -6.02
C THR A 132 -2.18 25.39 -6.49
N SER A 133 -0.91 25.01 -6.52
CA SER A 133 0.16 25.78 -7.10
C SER A 133 1.02 24.86 -7.92
N ALA A 134 1.42 25.38 -9.08
CA ALA A 134 2.29 24.66 -10.02
C ALA A 134 3.63 25.41 -10.23
N THR A 135 4.40 25.03 -11.26
CA THR A 135 5.79 25.44 -11.38
C THR A 135 6.03 26.36 -12.59
N TRP A 136 5.40 26.07 -13.69
CA TRP A 136 5.69 26.72 -14.99
C TRP A 136 4.39 26.98 -15.77
N SER A 137 3.26 27.02 -15.06
CA SER A 137 1.98 27.14 -15.67
C SER A 137 1.38 28.55 -15.57
N GLN A 138 0.34 28.78 -16.36
CA GLN A 138 -0.52 29.97 -16.21
C GLN A 138 -1.94 29.52 -16.31
N PRO A 139 -2.72 29.75 -15.25
CA PRO A 139 -2.34 30.40 -13.99
C PRO A 139 -1.36 29.55 -13.18
N LEU A 140 -0.48 30.21 -12.43
CA LEU A 140 0.47 29.46 -11.65
C LEU A 140 -0.18 28.79 -10.44
N SER A 141 -1.18 29.43 -9.87
CA SER A 141 -1.98 28.87 -8.82
C SER A 141 -3.45 29.06 -9.14
N ALA A 142 -4.33 28.27 -8.51
CA ALA A 142 -5.73 28.37 -8.79
C ALA A 142 -6.53 27.88 -7.57
N LEU A 143 -7.79 28.32 -7.54
CA LEU A 143 -8.77 27.87 -6.60
C LEU A 143 -9.80 27.08 -7.39
N TRP A 144 -10.09 25.87 -6.90
CA TRP A 144 -10.99 24.91 -7.59
C TRP A 144 -12.22 24.69 -6.75
N GLY A 145 -13.42 24.71 -7.37
CA GLY A 145 -14.63 24.34 -6.64
C GLY A 145 -14.83 22.84 -6.79
N MET A 146 -15.16 22.15 -5.70
CA MET A 146 -15.15 20.68 -5.70
C MET A 146 -16.53 20.08 -5.65
N LYS A 147 -17.54 20.88 -5.37
CA LYS A 147 -18.92 20.38 -5.26
C LYS A 147 -19.50 20.05 -6.67
N SER A 148 -19.91 18.80 -6.84
CA SER A 148 -20.66 18.29 -7.97
C SER A 148 -19.80 18.18 -9.23
N VAL A 149 -19.30 19.29 -9.74
CA VAL A 149 -18.50 19.23 -11.00
C VAL A 149 -17.28 20.08 -10.72
N PHE A 150 -16.20 19.40 -10.37
CA PHE A 150 -14.90 20.04 -10.08
C PHE A 150 -14.53 20.88 -11.27
N ASP A 151 -14.20 22.15 -10.99
CA ASP A 151 -13.75 23.06 -12.05
C ASP A 151 -13.01 24.24 -11.36
N MET A 152 -12.28 25.00 -12.15
CA MET A 152 -11.66 26.20 -11.64
C MET A 152 -12.63 27.25 -11.25
N LYS A 153 -12.43 27.83 -10.07
CA LYS A 153 -13.28 28.90 -9.62
C LYS A 153 -12.63 30.25 -9.86
N HIS A 154 -11.40 30.39 -9.40
CA HIS A 154 -10.64 31.62 -9.67
C HIS A 154 -9.19 31.29 -9.95
N SER A 155 -8.48 32.13 -10.65
CA SER A 155 -7.10 31.86 -10.87
C SER A 155 -6.19 33.01 -10.40
N PHE A 156 -4.98 32.65 -10.02
CA PHE A 156 -4.01 33.58 -9.44
C PHE A 156 -2.79 33.52 -10.32
N THR A 157 -2.79 34.43 -11.28
CA THR A 157 -1.97 34.29 -12.46
C THR A 157 -0.51 33.99 -12.22
N GLU A 158 0.18 34.81 -11.46
CA GLU A 158 1.58 34.56 -11.20
C GLU A 158 1.94 34.29 -9.75
N ASP A 159 0.97 33.91 -8.93
CA ASP A 159 1.29 33.56 -7.55
C ASP A 159 1.83 32.14 -7.53
N HIS A 160 3.03 31.96 -6.99
CA HIS A 160 3.68 30.66 -6.97
C HIS A 160 3.28 29.85 -5.73
N TYR A 161 2.60 30.49 -4.81
CA TYR A 161 2.15 29.80 -3.57
C TYR A 161 0.87 30.47 -3.12
N VAL A 162 -0.01 29.66 -2.56
CA VAL A 162 -1.30 30.14 -2.06
C VAL A 162 -1.74 29.40 -0.85
N GLU A 163 -2.45 30.07 0.08
CA GLU A 163 -3.05 29.43 1.30
C GLU A 163 -4.38 30.06 1.57
N PHE A 164 -5.26 29.35 2.26
CA PHE A 164 -6.45 29.99 2.75
C PHE A 164 -6.16 30.82 4.01
N SER A 165 -6.99 31.83 4.26
CA SER A 165 -7.16 32.39 5.60
C SER A 165 -7.53 31.30 6.58
N LYS A 166 -7.30 31.57 7.87
CA LYS A 166 -7.33 30.52 8.90
C LYS A 166 -8.61 30.41 9.72
N HIS A 167 -9.08 31.52 10.23
CA HIS A 167 -10.20 31.49 11.16
C HIS A 167 -11.45 31.17 10.42
N SER A 168 -11.68 31.95 9.38
CA SER A 168 -12.78 31.73 8.48
C SER A 168 -12.08 31.73 7.11
N GLN A 169 -12.29 30.64 6.37
CA GLN A 169 -11.60 30.42 5.05
C GLN A 169 -12.38 31.12 3.95
N ASP A 170 -12.48 32.45 4.08
CA ASP A 170 -13.19 33.30 3.14
C ASP A 170 -12.25 34.06 2.22
N ARG A 171 -10.95 33.94 2.49
CA ARG A 171 -9.93 34.57 1.66
C ARG A 171 -8.78 33.61 1.29
N VAL A 172 -8.07 33.99 0.24
CA VAL A 172 -6.87 33.36 -0.18
C VAL A 172 -5.74 34.41 -0.13
N ILE A 173 -4.59 34.00 0.39
CA ILE A 173 -3.37 34.80 0.26
C ILE A 173 -2.34 34.12 -0.63
N GLY A 174 -1.94 34.83 -1.67
CA GLY A 174 -0.97 34.38 -2.65
C GLY A 174 0.32 35.13 -2.51
N THR A 175 1.41 34.47 -2.91
CA THR A 175 2.73 35.08 -2.94
C THR A 175 3.27 35.12 -4.34
N LYS A 176 3.78 36.29 -4.70
CA LYS A 176 4.43 36.45 -5.98
C LYS A 176 5.76 37.08 -5.64
N GLY A 177 6.79 36.25 -5.46
CA GLY A 177 8.10 36.75 -5.08
C GLY A 177 8.04 37.39 -3.71
N ASP A 178 8.28 38.71 -3.63
CA ASP A 178 8.37 39.42 -2.37
C ASP A 178 7.03 40.08 -2.02
N ILE A 179 6.03 39.87 -2.89
CA ILE A 179 4.71 40.52 -2.83
C ILE A 179 3.62 39.54 -2.38
N ALA A 180 2.81 39.99 -1.45
CA ALA A 180 1.64 39.24 -1.03
C ALA A 180 0.35 39.80 -1.70
N HIS A 181 -0.51 38.92 -2.19
CA HIS A 181 -1.85 39.26 -2.72
C HIS A 181 -2.95 38.64 -1.89
N ILE A 182 -3.96 39.42 -1.53
CA ILE A 182 -5.09 38.90 -0.80
C ILE A 182 -6.34 38.97 -1.63
N TYR A 183 -7.00 37.82 -1.74
CA TYR A 183 -8.22 37.62 -2.61
C TYR A 183 -9.47 37.21 -1.81
N ASP A 184 -10.63 37.70 -2.25
CA ASP A 184 -11.87 37.30 -1.72
C ASP A 184 -12.36 36.03 -2.46
N ILE A 185 -12.77 35.04 -1.70
CA ILE A 185 -13.18 33.80 -2.35
C ILE A 185 -14.47 34.01 -3.15
N GLN A 186 -15.46 34.63 -2.55
CA GLN A 186 -16.80 34.75 -3.15
C GLN A 186 -16.66 35.41 -4.53
N THR A 187 -15.96 36.55 -4.61
CA THR A 187 -15.88 37.34 -5.83
C THR A 187 -14.66 37.04 -6.65
N GLY A 188 -13.58 36.58 -6.03
CA GLY A 188 -12.30 36.45 -6.73
C GLY A 188 -11.44 37.72 -6.79
N ASN A 189 -11.99 38.81 -6.26
CA ASN A 189 -11.36 40.10 -6.37
C ASN A 189 -10.10 40.13 -5.54
N LYS A 190 -9.06 40.73 -6.07
CA LYS A 190 -7.84 41.00 -5.28
C LYS A 190 -8.12 42.19 -4.40
N LEU A 191 -8.18 41.92 -3.10
CA LEU A 191 -8.45 42.95 -2.14
C LEU A 191 -7.28 43.84 -1.79
N LEU A 192 -6.08 43.25 -1.63
CA LEU A 192 -4.85 43.95 -1.19
C LEU A 192 -3.61 43.41 -1.87
N THR A 193 -2.65 44.29 -2.07
CA THR A 193 -1.32 43.93 -2.53
C THR A 193 -0.39 44.50 -1.49
N LEU A 194 0.37 43.64 -0.85
CA LEU A 194 1.24 43.99 0.26
C LEU A 194 2.70 43.85 -0.11
N PHE A 195 3.35 45.00 -0.11
CA PHE A 195 4.76 45.09 -0.43
C PHE A 195 5.30 46.42 0.05
N ASN A 196 6.42 46.39 0.78
CA ASN A 196 7.05 47.61 1.28
C ASN A 196 8.57 47.45 1.00
N PRO A 197 9.03 48.16 -0.02
CA PRO A 197 10.40 48.00 -0.53
C PRO A 197 11.48 48.32 0.53
N ASP A 198 11.18 49.21 1.46
CA ASP A 198 12.13 49.60 2.49
C ASP A 198 12.31 48.49 3.54
N LEU A 199 11.33 47.59 3.67
CA LEU A 199 11.35 46.56 4.68
C LEU A 199 11.64 45.16 4.13
N ALA A 200 11.69 45.03 2.79
CA ALA A 200 11.80 43.70 2.17
C ALA A 200 13.06 43.00 2.63
N ASN A 201 12.91 41.71 2.91
CA ASN A 201 14.06 40.81 3.13
C ASN A 201 14.47 40.00 1.95
N ASN A 202 13.60 39.88 0.92
CA ASN A 202 13.88 39.14 -0.29
C ASN A 202 14.23 37.67 -0.05
N TYR A 203 13.50 37.03 0.88
CA TYR A 203 13.68 35.63 1.12
C TYR A 203 13.42 34.82 -0.12
N LYS A 204 14.30 33.90 -0.41
CA LYS A 204 14.19 33.12 -1.64
C LYS A 204 13.01 32.17 -1.66
N ARG A 205 12.50 31.75 -0.51
CA ARG A 205 11.36 30.81 -0.44
CA ARG A 205 11.36 30.84 -0.47
C ARG A 205 10.24 31.52 0.31
N ASN A 206 10.01 32.78 -0.01
CA ASN A 206 8.95 33.54 0.65
C ASN A 206 7.57 32.90 0.44
N CYS A 207 6.81 32.69 1.52
CA CYS A 207 5.44 32.23 1.47
C CYS A 207 4.57 33.06 2.44
N ALA A 208 3.73 33.95 1.92
CA ALA A 208 2.92 34.83 2.76
C ALA A 208 1.83 34.04 3.44
N THR A 209 1.47 34.43 4.65
CA THR A 209 0.51 33.68 5.45
C THR A 209 -0.26 34.59 6.40
N PHE A 210 -1.51 34.25 6.62
CA PHE A 210 -2.30 34.84 7.70
C PHE A 210 -1.99 34.24 9.08
N ASN A 211 -2.22 35.03 10.13
CA ASN A 211 -2.20 34.50 11.48
C ASN A 211 -3.54 33.81 11.81
N PRO A 212 -3.62 33.15 12.97
CA PRO A 212 -4.83 32.36 13.25
C PRO A 212 -6.14 33.12 13.21
N THR A 213 -6.11 34.41 13.51
CA THR A 213 -7.34 35.16 13.56
C THR A 213 -7.51 35.99 12.31
N ASP A 214 -6.62 35.84 11.33
CA ASP A 214 -6.70 36.58 10.10
C ASP A 214 -6.55 38.12 10.13
N ASP A 215 -6.15 38.69 11.24
CA ASP A 215 -5.98 40.10 11.31
C ASP A 215 -4.57 40.58 10.98
N LEU A 216 -3.60 39.64 10.98
CA LEU A 216 -2.23 39.92 10.59
C LEU A 216 -1.78 39.02 9.44
N VAL A 217 -0.81 39.52 8.71
CA VAL A 217 -0.13 38.77 7.67
C VAL A 217 1.38 38.84 7.90
N LEU A 218 2.07 37.72 7.63
CA LEU A 218 3.51 37.71 7.53
C LEU A 218 3.86 37.50 6.05
N ASN A 219 4.63 38.42 5.51
CA ASN A 219 5.13 38.33 4.17
C ASN A 219 6.57 38.79 4.16
N ASP A 220 7.47 37.90 3.71
CA ASP A 220 8.89 38.25 3.54
C ASP A 220 9.52 38.75 4.83
N GLY A 221 9.07 38.21 5.95
CA GLY A 221 9.59 38.55 7.30
C GLY A 221 9.04 39.88 7.81
N VAL A 222 8.01 40.44 7.18
CA VAL A 222 7.38 41.69 7.58
C VAL A 222 5.97 41.37 8.04
N LEU A 223 5.59 41.95 9.19
CA LEU A 223 4.26 41.78 9.81
C LEU A 223 3.38 42.94 9.38
N TRP A 224 2.24 42.58 8.78
CA TRP A 224 1.27 43.55 8.25
C TRP A 224 -0.01 43.50 9.08
N ASP A 225 -0.58 44.67 9.33
CA ASP A 225 -1.91 44.75 9.91
C ASP A 225 -2.90 44.75 8.73
N VAL A 226 -3.78 43.75 8.64
CA VAL A 226 -4.66 43.60 7.50
C VAL A 226 -5.68 44.75 7.35
N ARG A 227 -6.25 45.19 8.47
CA ARG A 227 -7.27 46.26 8.44
C ARG A 227 -6.72 47.53 7.89
N SER A 228 -5.52 47.94 8.34
CA SER A 228 -4.87 49.16 7.86
C SER A 228 -4.10 48.94 6.55
N ALA A 229 -3.84 47.65 6.24
CA ALA A 229 -3.01 47.26 5.09
C ALA A 229 -1.62 47.88 5.10
N LEU A 230 -1.06 47.97 6.28
CA LEU A 230 0.25 48.56 6.50
C LEU A 230 1.13 47.73 7.38
N ALA A 231 2.42 47.79 7.09
CA ALA A 231 3.44 47.07 7.90
C ALA A 231 3.47 47.62 9.29
N ILE A 232 3.55 46.74 10.28
CA ILE A 232 3.66 47.14 11.70
C ILE A 232 4.96 46.72 12.34
N HIS A 233 5.70 45.81 11.73
CA HIS A 233 7.00 45.40 12.23
C HIS A 233 7.82 44.69 11.11
N LYS A 234 9.13 44.90 11.05
CA LYS A 234 9.99 44.12 10.17
C LYS A 234 10.90 43.27 11.09
N PHE A 235 10.82 41.94 10.91
CA PHE A 235 11.76 41.06 11.63
C PHE A 235 13.05 40.98 10.83
N ASP A 236 14.18 41.13 11.50
CA ASP A 236 15.46 41.16 10.77
C ASP A 236 15.85 39.85 10.05
N LYS A 237 16.63 39.97 8.99
CA LYS A 237 17.00 38.85 8.14
C LYS A 237 18.22 38.10 8.70
N PHE A 238 18.07 36.81 9.02
CA PHE A 238 19.14 35.95 9.54
C PHE A 238 19.38 34.71 8.75
N ASN A 239 18.71 34.57 7.60
CA ASN A 239 18.96 33.52 6.66
C ASN A 239 18.49 34.00 5.30
N MET A 240 18.82 33.25 4.26
CA MET A 240 18.52 33.71 2.91
C MET A 240 17.19 33.22 2.33
N ASN A 241 16.63 32.16 2.90
CA ASN A 241 15.52 31.43 2.26
C ASN A 241 14.17 31.42 2.96
N ILE A 242 14.20 31.13 4.25
CA ILE A 242 12.99 30.80 5.02
C ILE A 242 12.36 32.07 5.58
N SER A 243 11.08 32.33 5.22
CA SER A 243 10.43 33.59 5.53
C SER A 243 9.60 33.49 6.85
N GLY A 244 9.12 32.30 7.20
CA GLY A 244 8.45 32.10 8.48
C GLY A 244 6.97 31.76 8.44
N VAL A 245 6.47 31.30 9.58
CA VAL A 245 5.06 31.03 9.80
C VAL A 245 4.64 31.51 11.21
N PHE A 246 3.35 31.69 11.38
CA PHE A 246 2.76 31.89 12.71
C PHE A 246 2.60 30.54 13.38
N HIS A 247 2.90 30.48 14.65
CA HIS A 247 2.50 29.34 15.46
C HIS A 247 0.97 29.38 15.53
N PRO A 248 0.30 28.19 15.48
CA PRO A 248 -1.18 28.15 15.69
C PRO A 248 -1.67 28.70 17.01
N ASN A 249 -0.77 28.85 17.97
CA ASN A 249 -1.13 29.50 19.25
C ASN A 249 -1.41 31.00 19.19
N GLY A 250 -1.01 31.66 18.09
CA GLY A 250 -1.27 33.04 17.88
C GLY A 250 -0.39 33.98 18.64
N LEU A 251 0.63 33.43 19.28
CA LEU A 251 1.47 34.22 20.20
C LEU A 251 2.89 34.45 19.68
N GLU A 252 3.34 33.55 18.80
CA GLU A 252 4.74 33.46 18.34
C GLU A 252 4.78 33.42 16.83
N VAL A 253 5.83 34.02 16.26
CA VAL A 253 6.19 33.80 14.89
C VAL A 253 7.51 33.03 14.84
N ILE A 254 7.56 32.06 13.94
CA ILE A 254 8.67 31.18 13.79
C ILE A 254 9.33 31.47 12.44
N ILE A 255 10.51 32.09 12.48
CA ILE A 255 11.21 32.50 11.30
C ILE A 255 12.56 31.79 11.30
N ASN A 256 12.62 30.63 10.61
CA ASN A 256 13.82 29.80 10.60
C ASN A 256 14.19 29.40 12.02
N THR A 257 15.41 29.72 12.47
CA THR A 257 15.84 29.34 13.80
C THR A 257 15.41 30.32 14.90
N GLU A 258 14.69 31.38 14.58
CA GLU A 258 14.30 32.40 15.58
C GLU A 258 12.80 32.31 15.91
N ILE A 259 12.45 32.20 17.17
CA ILE A 259 11.05 32.26 17.53
C ILE A 259 10.84 33.63 18.23
N TRP A 260 10.00 34.47 17.64
CA TRP A 260 9.76 35.81 18.16
C TRP A 260 8.38 35.91 18.83
N ASP A 261 8.34 36.63 19.94
CA ASP A 261 7.08 37.02 20.60
C ASP A 261 6.29 38.05 19.78
N LEU A 262 5.03 37.77 19.44
CA LEU A 262 4.25 38.79 18.69
C LEU A 262 3.91 40.05 19.48
N ARG A 263 3.81 39.93 20.78
CA ARG A 263 3.47 41.08 21.61
C ARG A 263 4.62 42.02 21.81
N THR A 264 5.80 41.50 22.17
CA THR A 264 6.95 42.32 22.49
C THR A 264 7.99 42.45 21.39
N PHE A 265 7.96 41.50 20.45
CA PHE A 265 8.99 41.32 19.42
C PHE A 265 10.32 40.83 19.97
N HIS A 266 10.32 40.38 21.23
CA HIS A 266 11.52 39.75 21.81
C HIS A 266 11.77 38.37 21.22
N LEU A 267 13.04 37.97 21.22
CA LEU A 267 13.38 36.60 20.85
C LEU A 267 13.07 35.71 22.03
N LEU A 268 12.24 34.68 21.80
CA LEU A 268 11.82 33.73 22.82
C LEU A 268 12.65 32.47 22.84
N HIS A 269 13.05 32.00 21.67
CA HIS A 269 13.79 30.77 21.52
C HIS A 269 14.73 30.88 20.33
N THR A 270 15.85 30.22 20.46
CA THR A 270 16.78 29.97 19.32
C THR A 270 16.75 28.44 19.11
N VAL A 271 16.40 27.97 17.92
CA VAL A 271 16.20 26.54 17.68
C VAL A 271 17.01 26.17 16.42
N PRO A 272 18.31 25.90 16.58
CA PRO A 272 19.16 25.72 15.42
C PRO A 272 18.70 24.53 14.52
N ALA A 273 18.01 23.55 15.12
CA ALA A 273 17.56 22.37 14.36
C ALA A 273 16.51 22.71 13.31
N LEU A 274 15.88 23.90 13.43
CA LEU A 274 14.87 24.35 12.40
C LEU A 274 15.47 24.99 11.19
N ASP A 275 16.80 25.12 11.13
CA ASP A 275 17.44 25.78 9.99
C ASP A 275 17.09 25.14 8.65
N GLN A 276 16.56 25.99 7.76
CA GLN A 276 16.18 25.59 6.38
C GLN A 276 15.05 24.59 6.30
N CYS A 277 14.23 24.55 7.38
CA CYS A 277 13.11 23.63 7.44
C CYS A 277 11.76 24.26 7.04
N ARG A 278 10.98 23.46 6.32
CA ARG A 278 9.53 23.66 6.25
C ARG A 278 9.01 23.09 7.56
N VAL A 279 8.03 23.77 8.12
CA VAL A 279 7.39 23.45 9.36
C VAL A 279 5.93 23.11 9.08
N VAL A 280 5.50 21.94 9.59
CA VAL A 280 4.08 21.47 9.51
C VAL A 280 3.57 21.17 10.93
N PHE A 281 2.46 21.74 11.32
CA PHE A 281 1.89 21.37 12.64
C PHE A 281 0.84 20.31 12.52
N ASN A 282 0.66 19.51 13.58
CA ASN A 282 -0.53 18.63 13.62
C ASN A 282 -1.78 19.52 13.85
N HIS A 283 -2.97 18.93 13.75
CA HIS A 283 -4.16 19.80 13.76
C HIS A 283 -4.42 20.45 15.11
N THR A 284 -3.99 19.80 16.17
CA THR A 284 -4.07 20.46 17.50
C THR A 284 -3.00 21.51 17.81
N GLY A 285 -2.03 21.69 16.94
CA GLY A 285 -0.92 22.58 17.22
C GLY A 285 -0.03 22.21 18.39
N THR A 286 0.10 20.90 18.67
CA THR A 286 0.93 20.41 19.79
C THR A 286 2.21 19.71 19.38
N VAL A 287 2.33 19.34 18.10
CA VAL A 287 3.52 18.73 17.60
C VAL A 287 3.81 19.45 16.29
N MET A 288 5.09 19.76 16.12
CA MET A 288 5.60 20.40 14.93
C MET A 288 6.56 19.48 14.22
N TYR A 289 6.40 19.34 12.89
CA TYR A 289 7.28 18.53 12.04
C TYR A 289 8.17 19.50 11.24
N GLY A 290 9.46 19.20 11.15
CA GLY A 290 10.41 20.07 10.41
C GLY A 290 11.16 19.20 9.44
N ALA A 291 11.12 19.56 8.18
CA ALA A 291 11.83 18.82 7.16
C ALA A 291 12.77 19.78 6.45
N MET A 292 14.05 19.40 6.39
CA MET A 292 15.08 20.30 5.97
C MET A 292 15.24 20.27 4.48
N LEU A 293 15.16 21.43 3.88
CA LEU A 293 15.43 21.56 2.43
C LEU A 293 16.78 21.00 2.07
N GLN A 294 16.87 20.47 0.85
CA GLN A 294 18.16 19.96 0.36
C GLN A 294 19.24 21.07 0.21
N LYS A 307 14.07 15.47 -8.00
N LYS A 307 13.50 17.22 -8.75
CA LYS A 307 14.22 16.88 -7.63
CA LYS A 307 14.36 16.99 -7.57
C LYS A 307 13.55 17.15 -6.29
N SER A 308 13.83 16.29 -5.29
CA SER A 308 13.07 16.38 -4.04
C SER A 308 13.47 17.65 -3.33
N PRO A 309 12.46 18.36 -2.81
CA PRO A 309 12.77 19.58 -2.06
C PRO A 309 13.49 19.28 -0.76
N PHE A 310 13.20 18.13 -0.14
CA PHE A 310 13.78 17.79 1.14
C PHE A 310 14.69 16.57 1.07
N GLY A 311 15.47 16.38 2.12
CA GLY A 311 16.26 15.17 2.29
C GLY A 311 15.43 14.05 2.90
N SER A 312 16.10 13.05 3.50
CA SER A 312 15.49 11.77 3.75
C SER A 312 14.96 11.69 5.18
N SER A 313 15.15 12.74 5.96
CA SER A 313 14.65 12.67 7.33
C SER A 313 13.84 13.91 7.70
N PHE A 314 13.03 13.74 8.74
CA PHE A 314 12.26 14.83 9.31
C PHE A 314 12.28 14.65 10.82
N ARG A 315 12.12 15.75 11.53
CA ARG A 315 12.18 15.78 12.93
C ARG A 315 10.85 16.22 13.51
N THR A 316 10.55 15.77 14.72
CA THR A 316 9.40 16.29 15.44
C THR A 316 9.85 17.01 16.64
N PHE A 317 9.07 18.03 16.98
CA PHE A 317 9.32 18.88 18.12
C PHE A 317 8.06 19.07 18.92
N ASN A 318 8.22 19.18 20.22
CA ASN A 318 7.09 19.58 21.04
C ASN A 318 6.79 21.07 20.71
N ALA A 319 5.55 21.35 20.29
CA ALA A 319 5.21 22.70 19.82
C ALA A 319 5.06 23.73 20.93
N THR A 320 5.02 23.30 22.20
CA THR A 320 5.05 24.24 23.35
C THR A 320 6.44 24.76 23.76
N ASP A 321 7.49 23.96 23.64
CA ASP A 321 8.82 24.41 24.05
C ASP A 321 9.90 24.17 23.00
N TYR A 322 9.50 23.74 21.82
CA TYR A 322 10.41 23.48 20.73
C TYR A 322 11.47 22.40 21.04
N LYS A 323 11.19 21.55 22.02
CA LYS A 323 12.13 20.48 22.33
C LYS A 323 11.95 19.30 21.37
N PRO A 324 13.06 18.65 21.00
CA PRO A 324 13.03 17.46 20.15
C PRO A 324 12.23 16.34 20.75
N ILE A 325 11.49 15.65 19.90
CA ILE A 325 10.78 14.43 20.27
C ILE A 325 11.44 13.26 19.56
N ALA A 326 11.64 13.37 18.23
CA ALA A 326 12.10 12.23 17.47
C ALA A 326 12.70 12.68 16.16
N THR A 327 13.58 11.87 15.64
CA THR A 327 14.11 12.08 14.31
C THR A 327 13.79 10.80 13.54
N ILE A 328 13.19 10.93 12.37
CA ILE A 328 12.79 9.80 11.53
C ILE A 328 13.53 9.89 10.19
N ASP A 329 14.34 8.89 9.88
CA ASP A 329 14.99 8.83 8.57
C ASP A 329 14.31 7.70 7.81
N VAL A 330 13.50 8.05 6.81
CA VAL A 330 12.89 7.03 5.92
C VAL A 330 13.85 6.53 4.80
N LYS A 331 15.08 7.07 4.72
CA LYS A 331 16.14 6.70 3.75
C LYS A 331 15.76 6.88 2.28
N ARG A 332 14.78 7.74 2.01
CA ARG A 332 14.37 8.10 0.69
C ARG A 332 14.16 9.60 0.79
N ASN A 333 14.57 10.39 -0.20
CA ASN A 333 14.29 11.81 -0.10
C ASN A 333 12.77 12.11 -0.08
N ILE A 334 12.39 13.13 0.72
CA ILE A 334 11.00 13.49 0.92
C ILE A 334 10.55 14.63 0.00
N PHE A 335 9.38 14.46 -0.62
CA PHE A 335 8.73 15.54 -1.39
C PHE A 335 7.74 16.39 -0.58
N ASP A 336 7.02 15.76 0.35
CA ASP A 336 5.98 16.40 1.11
C ASP A 336 5.57 15.52 2.27
N LEU A 337 4.92 16.13 3.26
CA LEU A 337 4.32 15.44 4.38
C LEU A 337 3.14 16.20 4.89
N CYS A 338 2.17 15.49 5.43
CA CYS A 338 0.94 16.12 5.91
C CYS A 338 0.28 15.28 6.97
N THR A 339 -0.58 15.96 7.74
CA THR A 339 -1.36 15.35 8.81
C THR A 339 -2.84 15.31 8.47
N ASP A 340 -3.55 14.31 8.99
CA ASP A 340 -5.03 14.28 8.94
C ASP A 340 -5.60 15.20 10.03
N THR A 341 -6.89 15.45 9.98
CA THR A 341 -7.44 16.36 10.98
C THR A 341 -7.58 15.76 12.36
N LYS A 342 -7.60 14.45 12.49
CA LYS A 342 -7.77 13.83 13.79
C LYS A 342 -6.44 13.52 14.37
N ASP A 343 -5.37 13.84 13.63
CA ASP A 343 -4.00 13.57 14.08
C ASP A 343 -3.59 12.14 14.41
N CYS A 344 -4.18 11.23 13.66
CA CYS A 344 -3.86 9.81 13.75
CA CYS A 344 -3.86 9.82 13.76
C CYS A 344 -2.72 9.45 12.84
N TYR A 345 -2.55 10.24 11.75
CA TYR A 345 -1.64 9.85 10.69
C TYR A 345 -0.72 10.95 10.18
N LEU A 346 0.36 10.50 9.53
CA LEU A 346 1.27 11.34 8.80
C LEU A 346 1.42 10.63 7.45
N ALA A 347 1.17 11.35 6.38
CA ALA A 347 1.39 10.81 5.02
C ALA A 347 2.62 11.51 4.49
N VAL A 348 3.55 10.74 3.90
CA VAL A 348 4.80 11.20 3.39
C VAL A 348 4.95 10.75 1.94
N ILE A 349 5.38 11.66 1.11
CA ILE A 349 5.81 11.31 -0.24
CA ILE A 349 5.82 11.28 -0.23
C ILE A 349 7.32 11.11 -0.23
N GLU A 350 7.78 9.92 -0.66
CA GLU A 350 9.19 9.47 -0.57
C GLU A 350 9.64 8.97 -1.94
N ASN A 351 10.82 9.42 -2.34
CA ASN A 351 11.33 9.06 -3.66
C ASN A 351 12.18 7.79 -3.61
N GLN A 352 11.77 6.79 -4.35
CA GLN A 352 12.54 5.55 -4.52
C GLN A 352 13.69 5.76 -5.51
N GLY A 353 13.46 6.60 -6.52
CA GLY A 353 14.43 6.83 -7.64
C GLY A 353 15.79 7.31 -7.17
N MET A 360 12.86 10.11 -11.07
CA MET A 360 11.72 10.21 -10.07
C MET A 360 10.82 8.99 -10.01
N ASP A 361 10.57 8.47 -8.80
CA ASP A 361 9.71 7.35 -8.63
C ASP A 361 9.21 7.35 -7.19
N THR A 362 8.20 8.18 -6.96
CA THR A 362 7.74 8.40 -5.57
C THR A 362 6.62 7.44 -5.18
N VAL A 363 6.55 7.24 -3.86
CA VAL A 363 5.50 6.50 -3.25
C VAL A 363 4.98 7.34 -2.13
N CYS A 364 3.76 7.05 -1.73
CA CYS A 364 3.10 7.65 -0.59
C CYS A 364 3.02 6.62 0.49
N ARG A 365 3.56 6.96 1.67
CA ARG A 365 3.46 6.06 2.82
C ARG A 365 2.61 6.75 3.87
N LEU A 366 1.70 5.99 4.44
CA LEU A 366 0.88 6.46 5.54
C LEU A 366 1.39 5.82 6.80
N TYR A 367 1.73 6.66 7.77
CA TYR A 367 2.22 6.20 9.08
C TYR A 367 1.23 6.53 10.17
N GLU A 368 1.10 5.64 11.12
CA GLU A 368 0.26 5.88 12.28
C GLU A 368 1.15 6.54 13.30
N VAL A 369 0.75 7.69 13.82
CA VAL A 369 1.55 8.33 14.84
C VAL A 369 1.04 7.86 16.21
N PHE B 60 -13.45 -19.26 -21.21
CA PHE B 60 -13.99 -20.21 -20.19
C PHE B 60 -15.29 -20.87 -20.66
N ARG B 61 -15.11 -21.89 -21.49
CA ARG B 61 -16.21 -22.74 -21.99
C ARG B 61 -16.30 -23.95 -21.07
N PRO B 62 -17.50 -24.26 -20.51
CA PRO B 62 -17.62 -25.48 -19.70
C PRO B 62 -17.41 -26.70 -20.56
N ILE B 63 -16.64 -27.64 -20.02
CA ILE B 63 -16.26 -28.88 -20.69
C ILE B 63 -16.81 -30.11 -19.96
N SER B 64 -16.93 -30.05 -18.63
CA SER B 64 -17.38 -31.18 -17.85
C SER B 64 -17.81 -30.69 -16.49
N VAL B 65 -18.61 -31.50 -15.82
CA VAL B 65 -19.08 -31.21 -14.47
C VAL B 65 -19.29 -32.56 -13.84
N PHE B 66 -19.06 -32.64 -12.52
CA PHE B 66 -19.39 -33.81 -11.78
C PHE B 66 -19.47 -33.47 -10.31
N ARG B 67 -20.18 -34.31 -9.62
CA ARG B 67 -20.34 -34.26 -8.16
C ARG B 67 -19.78 -35.54 -7.49
N GLU B 68 -19.71 -35.52 -6.17
CA GLU B 68 -19.16 -36.62 -5.39
C GLU B 68 -20.12 -37.82 -5.46
N ALA B 69 -19.64 -38.93 -5.99
CA ALA B 69 -20.47 -40.11 -6.16
C ALA B 69 -21.06 -40.59 -4.80
N ASN B 70 -22.34 -40.99 -4.80
CA ASN B 70 -23.02 -41.63 -3.65
C ASN B 70 -23.13 -40.74 -2.41
N GLU B 71 -23.01 -39.43 -2.58
CA GLU B 71 -23.26 -38.47 -1.53
C GLU B 71 -24.39 -37.53 -1.97
N ASP B 72 -25.47 -37.41 -1.16
CA ASP B 72 -26.51 -36.38 -1.35
C ASP B 72 -26.00 -34.94 -1.16
N GLU B 73 -25.04 -34.79 -0.25
CA GLU B 73 -24.39 -33.52 0.01
C GLU B 73 -22.94 -33.65 -0.48
N SER B 74 -22.71 -33.21 -1.70
CA SER B 74 -21.40 -33.45 -2.31
C SER B 74 -20.38 -32.59 -1.54
N GLY B 75 -19.25 -33.20 -1.19
CA GLY B 75 -18.33 -32.56 -0.23
C GLY B 75 -16.94 -32.22 -0.71
N PHE B 76 -16.77 -32.06 -2.01
CA PHE B 76 -15.45 -31.62 -2.53
C PHE B 76 -15.04 -30.29 -1.92
N THR B 77 -13.79 -30.21 -1.43
CA THR B 77 -13.28 -28.96 -0.82
C THR B 77 -12.03 -28.39 -1.54
N CYS B 78 -11.29 -29.21 -2.30
CA CYS B 78 -10.06 -28.70 -2.95
C CYS B 78 -9.76 -29.61 -4.08
N CYS B 79 -8.95 -29.14 -5.03
CA CYS B 79 -8.63 -29.92 -6.16
C CYS B 79 -7.26 -29.59 -6.73
N ALA B 80 -6.66 -30.59 -7.39
CA ALA B 80 -5.39 -30.42 -8.11
C ALA B 80 -5.31 -31.49 -9.18
N PHE B 81 -4.78 -31.15 -10.36
CA PHE B 81 -4.58 -32.19 -11.34
C PHE B 81 -3.50 -33.19 -10.89
N SER B 82 -3.71 -34.46 -11.21
CA SER B 82 -2.67 -35.46 -10.95
C SER B 82 -1.69 -35.33 -12.07
N ALA B 83 -0.55 -36.02 -11.95
CA ALA B 83 0.40 -36.16 -13.07
C ALA B 83 -0.19 -36.83 -14.30
N ARG B 84 -1.28 -37.57 -14.20
CA ARG B 84 -2.00 -38.07 -15.38
C ARG B 84 -3.11 -37.09 -15.69
N GLU B 85 -3.04 -36.51 -16.88
CA GLU B 85 -3.83 -35.31 -17.22
C GLU B 85 -5.38 -35.50 -17.17
N ARG B 86 -5.86 -36.74 -17.36
CA ARG B 86 -7.29 -36.98 -17.41
C ARG B 86 -7.89 -37.14 -16.00
N PHE B 87 -7.03 -37.19 -15.00
CA PHE B 87 -7.44 -37.39 -13.62
C PHE B 87 -7.13 -36.22 -12.68
N LEU B 88 -8.15 -35.88 -11.88
CA LEU B 88 -8.14 -34.83 -10.93
C LEU B 88 -8.23 -35.42 -9.54
N MET B 89 -7.38 -34.91 -8.66
CA MET B 89 -7.41 -35.28 -7.25
C MET B 89 -8.25 -34.26 -6.55
N LEU B 90 -9.09 -34.73 -5.64
CA LEU B 90 -9.97 -33.82 -4.90
C LEU B 90 -9.92 -34.23 -3.47
N GLY B 91 -9.88 -33.24 -2.59
CA GLY B 91 -10.11 -33.47 -1.17
C GLY B 91 -11.57 -33.28 -0.83
N THR B 92 -12.00 -33.90 0.27
CA THR B 92 -13.38 -33.72 0.72
C THR B 92 -13.51 -33.20 2.12
N CYS B 93 -14.70 -32.74 2.47
CA CYS B 93 -14.94 -32.21 3.82
C CYS B 93 -14.90 -33.24 4.94
N THR B 94 -14.92 -34.53 4.64
CA THR B 94 -14.75 -35.57 5.65
C THR B 94 -13.36 -36.22 5.61
N GLY B 95 -12.44 -35.62 4.88
CA GLY B 95 -11.02 -36.04 4.95
C GLY B 95 -10.57 -37.09 3.94
N GLN B 96 -11.44 -37.40 2.97
CA GLN B 96 -11.07 -38.29 1.94
C GLN B 96 -10.33 -37.61 0.80
N LEU B 97 -9.41 -38.37 0.25
CA LEU B 97 -8.77 -38.06 -1.04
C LEU B 97 -9.52 -38.86 -2.09
N LYS B 98 -9.92 -38.17 -3.17
CA LYS B 98 -10.59 -38.83 -4.28
C LYS B 98 -9.81 -38.61 -5.57
N LEU B 99 -9.83 -39.58 -6.44
CA LEU B 99 -9.29 -39.45 -7.79
C LEU B 99 -10.47 -39.61 -8.76
N TYR B 100 -10.67 -38.65 -9.66
CA TYR B 100 -11.82 -38.65 -10.61
C TYR B 100 -11.30 -38.49 -12.03
N ASN B 101 -11.94 -39.18 -13.00
CA ASN B 101 -11.74 -38.88 -14.38
C ASN B 101 -12.56 -37.62 -14.57
N VAL B 102 -11.86 -36.57 -14.95
CA VAL B 102 -12.41 -35.22 -14.96
C VAL B 102 -13.39 -35.08 -16.18
N PHE B 103 -13.23 -35.93 -17.20
CA PHE B 103 -14.12 -35.90 -18.37
C PHE B 103 -15.42 -36.75 -18.14
N SER B 104 -15.31 -37.95 -17.61
CA SER B 104 -16.50 -38.79 -17.38
C SER B 104 -17.20 -38.51 -16.04
N GLY B 105 -16.45 -37.99 -15.06
CA GLY B 105 -17.02 -37.86 -13.74
C GLY B 105 -16.98 -39.09 -12.89
N GLN B 106 -16.31 -40.15 -13.36
CA GLN B 106 -16.20 -41.39 -12.63
C GLN B 106 -15.27 -41.27 -11.44
N GLU B 107 -15.72 -41.65 -10.26
CA GLU B 107 -14.82 -41.77 -9.12
C GLU B 107 -13.91 -43.01 -9.31
N GLU B 108 -12.61 -42.80 -9.40
CA GLU B 108 -11.66 -43.91 -9.63
C GLU B 108 -11.15 -44.55 -8.37
N ALA B 109 -11.02 -43.75 -7.32
CA ALA B 109 -10.42 -44.19 -6.09
C ALA B 109 -10.69 -43.23 -4.98
N SER B 110 -10.68 -43.75 -3.76
CA SER B 110 -10.85 -43.00 -2.54
C SER B 110 -9.87 -43.52 -1.45
N TYR B 111 -9.31 -42.59 -0.67
CA TYR B 111 -8.50 -42.92 0.51
C TYR B 111 -8.83 -41.97 1.67
N ASN B 112 -8.96 -42.55 2.86
CA ASN B 112 -9.17 -41.85 4.09
C ASN B 112 -7.90 -41.24 4.70
N CYS B 113 -7.53 -40.12 4.12
CA CYS B 113 -6.28 -39.45 4.47
C CYS B 113 -6.33 -38.82 5.86
N HIS B 114 -7.45 -38.18 6.19
CA HIS B 114 -7.58 -37.34 7.39
C HIS B 114 -8.98 -37.53 8.03
N ASN B 115 -9.15 -37.09 9.27
CA ASN B 115 -10.42 -37.09 10.00
CA ASN B 115 -10.51 -37.15 9.82
C ASN B 115 -11.16 -35.77 9.96
N SER B 116 -10.65 -34.82 9.16
CA SER B 116 -11.23 -33.48 9.11
C SER B 116 -11.13 -33.03 7.66
N ALA B 117 -11.76 -31.91 7.33
CA ALA B 117 -11.77 -31.43 5.93
C ALA B 117 -10.39 -31.23 5.36
N ILE B 118 -10.20 -31.70 4.14
CA ILE B 118 -8.97 -31.38 3.40
C ILE B 118 -9.02 -29.98 2.86
N THR B 119 -8.00 -29.17 3.21
CA THR B 119 -7.96 -27.79 2.76
C THR B 119 -7.05 -27.53 1.58
N HIS B 120 -6.07 -28.38 1.39
CA HIS B 120 -5.01 -28.12 0.38
C HIS B 120 -4.46 -29.43 -0.08
N LEU B 121 -4.07 -29.52 -1.34
CA LEU B 121 -3.38 -30.67 -1.75
C LEU B 121 -2.45 -30.28 -2.86
N GLU B 122 -1.34 -30.98 -2.94
CA GLU B 122 -0.32 -30.69 -3.96
C GLU B 122 0.36 -31.98 -4.42
N PRO B 123 0.04 -32.45 -5.64
CA PRO B 123 0.73 -33.57 -6.28
C PRO B 123 2.13 -33.15 -6.76
N SER B 124 3.12 -33.98 -6.55
CA SER B 124 4.44 -33.70 -7.09
C SER B 124 4.36 -33.87 -8.56
N ARG B 125 5.24 -33.16 -9.25
CA ARG B 125 5.38 -33.19 -10.71
C ARG B 125 5.66 -34.58 -11.22
N ASP B 126 6.43 -35.34 -10.48
CA ASP B 126 6.81 -36.65 -11.01
C ASP B 126 5.79 -37.75 -10.80
N GLY B 127 4.65 -37.42 -10.19
CA GLY B 127 3.62 -38.42 -9.95
C GLY B 127 3.84 -39.34 -8.76
N SER B 128 4.95 -39.21 -8.02
CA SER B 128 5.31 -40.16 -6.95
C SER B 128 4.79 -39.79 -5.56
N LEU B 129 4.43 -38.52 -5.37
CA LEU B 129 4.18 -38.01 -4.04
C LEU B 129 2.98 -37.03 -4.03
N LEU B 130 2.36 -36.92 -2.87
CA LEU B 130 1.26 -35.98 -2.63
C LEU B 130 1.36 -35.38 -1.24
N LEU B 131 1.21 -34.06 -1.18
CA LEU B 131 0.99 -33.38 0.07
C LEU B 131 -0.46 -33.05 0.31
N THR B 132 -0.90 -33.20 1.54
CA THR B 132 -2.21 -32.80 1.93
C THR B 132 -2.13 -32.00 3.23
N SER B 133 -3.09 -31.09 3.42
CA SER B 133 -3.34 -30.43 4.70
C SER B 133 -4.80 -30.50 5.04
N ALA B 134 -5.08 -30.76 6.30
CA ALA B 134 -6.46 -30.86 6.80
C ALA B 134 -6.73 -29.73 7.75
N THR B 135 -7.78 -29.81 8.54
CA THR B 135 -8.30 -28.64 9.26
C THR B 135 -8.06 -28.67 10.74
N TRP B 136 -8.41 -29.79 11.38
CA TRP B 136 -8.53 -30.02 12.83
CA TRP B 136 -8.13 -29.88 12.80
C TRP B 136 -7.87 -31.31 13.27
N SER B 137 -7.31 -32.08 12.33
CA SER B 137 -6.82 -33.43 12.54
C SER B 137 -5.34 -33.42 12.99
N GLN B 138 -4.91 -34.50 13.61
CA GLN B 138 -3.49 -34.77 13.74
C GLN B 138 -3.16 -36.09 13.08
N PRO B 139 -2.15 -36.10 12.20
CA PRO B 139 -1.34 -34.94 11.77
C PRO B 139 -2.14 -33.98 10.88
N LEU B 140 -1.87 -32.70 11.03
CA LEU B 140 -2.58 -31.70 10.29
C LEU B 140 -2.19 -31.71 8.79
N SER B 141 -0.94 -32.05 8.48
CA SER B 141 -0.49 -32.21 7.12
C SER B 141 0.31 -33.48 6.99
N ALA B 142 0.45 -33.98 5.77
CA ALA B 142 1.13 -35.23 5.56
C ALA B 142 1.64 -35.32 4.10
N LEU B 143 2.71 -36.11 3.91
CA LEU B 143 3.24 -36.47 2.63
C LEU B 143 2.92 -37.94 2.37
N TRP B 144 2.39 -38.23 1.17
CA TRP B 144 1.91 -39.58 0.78
C TRP B 144 2.71 -40.07 -0.38
N GLY B 145 3.13 -41.36 -0.33
CA GLY B 145 3.72 -41.95 -1.47
C GLY B 145 2.62 -42.57 -2.34
N MET B 146 2.73 -42.41 -3.64
CA MET B 146 1.67 -42.77 -4.61
C MET B 146 2.02 -43.93 -5.53
N LYS B 147 3.29 -44.29 -5.59
CA LYS B 147 3.75 -45.36 -6.52
C LYS B 147 3.39 -46.72 -5.90
N SER B 148 2.59 -47.48 -6.65
CA SER B 148 2.27 -48.87 -6.38
C SER B 148 1.26 -49.04 -5.28
N VAL B 149 1.60 -48.55 -4.09
CA VAL B 149 0.69 -48.73 -2.96
C VAL B 149 0.68 -47.42 -2.19
N PHE B 150 -0.36 -46.64 -2.39
CA PHE B 150 -0.56 -45.35 -1.70
C PHE B 150 -0.55 -45.54 -0.20
N ASP B 151 0.30 -44.76 0.49
CA ASP B 151 0.40 -44.80 1.94
C ASP B 151 1.06 -43.50 2.43
N MET B 152 0.88 -43.19 3.71
CA MET B 152 1.65 -42.12 4.31
C MET B 152 3.12 -42.35 4.31
N LYS B 153 3.87 -41.35 3.87
CA LYS B 153 5.32 -41.40 3.95
C LYS B 153 5.84 -40.68 5.20
N HIS B 154 5.44 -39.40 5.38
CA HIS B 154 5.73 -38.64 6.63
C HIS B 154 4.60 -37.77 7.03
N SER B 155 4.48 -37.54 8.32
CA SER B 155 3.51 -36.59 8.74
C SER B 155 4.19 -35.33 9.29
N PHE B 156 3.43 -34.24 9.25
CA PHE B 156 3.90 -32.92 9.70
C PHE B 156 2.83 -32.52 10.66
N THR B 157 3.06 -32.90 11.91
CA THR B 157 1.99 -32.98 12.89
C THR B 157 1.22 -31.69 13.12
N GLU B 158 1.89 -30.57 13.34
CA GLU B 158 1.11 -29.34 13.58
C GLU B 158 1.22 -28.31 12.44
N ASP B 159 1.72 -28.70 11.27
CA ASP B 159 1.77 -27.72 10.17
C ASP B 159 0.43 -27.68 9.47
N HIS B 160 -0.15 -26.49 9.38
CA HIS B 160 -1.48 -26.34 8.79
C HIS B 160 -1.45 -26.13 7.30
N TYR B 161 -0.27 -25.96 6.75
CA TYR B 161 -0.11 -25.80 5.30
C TYR B 161 1.25 -26.33 4.93
N VAL B 162 1.36 -27.00 3.77
CA VAL B 162 2.62 -27.51 3.27
C VAL B 162 2.70 -27.32 1.80
N GLU B 163 3.89 -27.08 1.28
CA GLU B 163 4.12 -27.20 -0.15
C GLU B 163 5.50 -27.75 -0.45
N PHE B 164 5.71 -28.16 -1.70
CA PHE B 164 7.02 -28.63 -2.14
C PHE B 164 7.95 -27.47 -2.43
N SER B 165 9.24 -27.69 -2.25
CA SER B 165 10.25 -26.88 -2.93
C SER B 165 10.03 -26.90 -4.44
N LYS B 166 10.58 -25.89 -5.13
CA LYS B 166 10.16 -25.58 -6.51
C LYS B 166 11.07 -26.12 -7.58
N HIS B 167 12.35 -25.89 -7.43
CA HIS B 167 13.31 -26.20 -8.50
C HIS B 167 13.47 -27.68 -8.63
N SER B 168 13.70 -28.29 -7.48
CA SER B 168 13.78 -29.71 -7.31
C SER B 168 12.86 -29.97 -6.11
N GLN B 169 11.90 -30.88 -6.28
CA GLN B 169 10.90 -31.14 -5.23
C GLN B 169 11.45 -32.20 -4.29
N ASP B 170 12.56 -31.86 -3.65
CA ASP B 170 13.26 -32.72 -2.70
C ASP B 170 13.01 -32.29 -1.25
N ARG B 171 12.33 -31.16 -1.06
N ARG B 171 12.35 -31.15 -1.06
CA ARG B 171 11.93 -30.75 0.27
CA ARG B 171 11.99 -30.67 0.28
C ARG B 171 10.48 -30.33 0.36
C ARG B 171 10.51 -30.31 0.37
N VAL B 172 9.97 -30.31 1.58
CA VAL B 172 8.67 -29.80 1.87
C VAL B 172 8.89 -28.59 2.81
N ILE B 173 8.14 -27.50 2.60
CA ILE B 173 8.11 -26.42 3.58
C ILE B 173 6.74 -26.33 4.20
N GLY B 174 6.70 -26.46 5.50
CA GLY B 174 5.48 -26.37 6.31
C GLY B 174 5.31 -25.07 7.07
N THR B 175 4.06 -24.68 7.32
CA THR B 175 3.77 -23.55 8.16
C THR B 175 3.00 -23.96 9.43
N LYS B 176 3.49 -23.47 10.56
CA LYS B 176 2.75 -23.56 11.80
C LYS B 176 2.66 -22.20 12.39
N GLY B 177 1.51 -21.58 12.22
CA GLY B 177 1.29 -20.20 12.63
C GLY B 177 2.31 -19.30 11.93
N ASP B 178 3.20 -18.69 12.71
CA ASP B 178 4.18 -17.74 12.22
C ASP B 178 5.52 -18.38 11.84
N ILE B 179 5.62 -19.69 12.04
CA ILE B 179 6.87 -20.44 11.94
C ILE B 179 6.88 -21.29 10.71
N ALA B 180 7.99 -21.25 9.98
CA ALA B 180 8.21 -22.14 8.87
C ALA B 180 9.13 -23.33 9.28
N HIS B 181 8.71 -24.52 8.87
CA HIS B 181 9.56 -25.76 9.00
C HIS B 181 9.97 -26.28 7.62
N ILE B 182 11.23 -26.65 7.43
CA ILE B 182 11.67 -27.25 6.21
C ILE B 182 12.16 -28.67 6.45
N TYR B 183 11.57 -29.60 5.68
CA TYR B 183 11.77 -31.06 5.85
C TYR B 183 12.39 -31.70 4.59
N ASP B 184 13.22 -32.73 4.81
CA ASP B 184 13.80 -33.48 3.70
C ASP B 184 12.82 -34.61 3.35
N ILE B 185 12.55 -34.76 2.07
CA ILE B 185 11.54 -35.71 1.63
C ILE B 185 12.05 -37.15 1.89
N GLN B 186 13.29 -37.45 1.52
CA GLN B 186 13.80 -38.84 1.68
C GLN B 186 13.64 -39.26 3.15
N THR B 187 14.22 -38.50 4.08
CA THR B 187 14.23 -38.89 5.50
C THR B 187 13.10 -38.44 6.31
N GLY B 188 12.38 -37.40 5.88
CA GLY B 188 11.38 -36.86 6.76
C GLY B 188 11.92 -35.90 7.84
N ASN B 189 13.23 -35.74 7.88
CA ASN B 189 13.83 -34.96 8.95
C ASN B 189 13.53 -33.49 8.74
N LYS B 190 13.26 -32.81 9.84
CA LYS B 190 13.16 -31.33 9.87
C LYS B 190 14.56 -30.77 9.83
N LEU B 191 14.86 -30.10 8.74
CA LEU B 191 16.13 -29.49 8.50
C LEU B 191 16.28 -28.11 9.13
N LEU B 192 15.22 -27.31 9.12
CA LEU B 192 15.26 -25.91 9.58
C LEU B 192 13.94 -25.51 10.17
N THR B 193 14.02 -24.65 11.18
CA THR B 193 12.88 -23.96 11.72
C THR B 193 13.17 -22.47 11.58
N LEU B 194 12.29 -21.74 10.89
CA LEU B 194 12.53 -20.33 10.59
C LEU B 194 11.49 -19.44 11.26
N PHE B 195 11.98 -18.64 12.19
CA PHE B 195 11.17 -17.74 12.93
C PHE B 195 12.08 -16.67 13.57
N ASN B 196 11.69 -15.44 13.46
CA ASN B 196 12.43 -14.30 14.03
C ASN B 196 11.38 -13.38 14.65
N PRO B 197 11.27 -13.42 15.99
CA PRO B 197 10.26 -12.68 16.74
C PRO B 197 10.30 -11.17 16.47
N ASP B 198 11.48 -10.63 16.26
CA ASP B 198 11.60 -9.21 16.01
C ASP B 198 11.07 -8.77 14.64
N LEU B 199 10.91 -9.70 13.70
CA LEU B 199 10.50 -9.36 12.36
C LEU B 199 9.10 -9.88 12.03
N ALA B 200 8.48 -10.64 12.95
CA ALA B 200 7.19 -11.27 12.66
C ALA B 200 6.09 -10.24 12.31
N ASN B 201 5.30 -10.56 11.29
CA ASN B 201 4.09 -9.80 10.94
C ASN B 201 2.78 -10.43 11.50
N ASN B 202 2.85 -11.68 11.92
CA ASN B 202 1.73 -12.43 12.46
C ASN B 202 0.54 -12.41 11.47
N TYR B 203 0.80 -12.56 10.16
CA TYR B 203 -0.31 -12.69 9.22
C TYR B 203 -1.20 -13.88 9.56
N LYS B 204 -2.49 -13.65 9.48
CA LYS B 204 -3.43 -14.68 9.93
C LYS B 204 -3.55 -15.84 9.00
N ARG B 205 -3.21 -15.66 7.73
CA ARG B 205 -3.20 -16.73 6.77
CA ARG B 205 -3.20 -16.71 6.74
C ARG B 205 -1.79 -16.93 6.23
N ASN B 206 -0.81 -16.91 7.15
CA ASN B 206 0.59 -17.10 6.76
C ASN B 206 0.74 -18.47 6.05
N CYS B 207 1.37 -18.48 4.88
CA CYS B 207 1.83 -19.66 4.18
C CYS B 207 3.26 -19.51 3.69
N ALA B 208 4.20 -20.21 4.34
CA ALA B 208 5.58 -20.13 3.93
C ALA B 208 5.82 -20.79 2.61
N THR B 209 6.76 -20.26 1.83
CA THR B 209 7.01 -20.75 0.46
C THR B 209 8.46 -20.52 0.05
N PHE B 210 9.03 -21.41 -0.76
CA PHE B 210 10.27 -21.23 -1.45
C PHE B 210 10.14 -20.37 -2.72
N ASN B 211 11.22 -19.68 -3.09
CA ASN B 211 11.31 -19.06 -4.40
C ASN B 211 11.61 -20.10 -5.48
N PRO B 212 11.65 -19.64 -6.75
CA PRO B 212 11.74 -20.68 -7.82
C PRO B 212 13.03 -21.50 -7.83
N THR B 213 14.12 -20.95 -7.28
CA THR B 213 15.37 -21.62 -7.28
C THR B 213 15.68 -22.28 -5.94
N ASP B 214 14.73 -22.21 -5.00
CA ASP B 214 14.85 -22.73 -3.66
C ASP B 214 15.90 -22.13 -2.72
N ASP B 215 16.46 -20.98 -3.03
CA ASP B 215 17.49 -20.46 -2.19
C ASP B 215 16.96 -19.46 -1.19
N LEU B 216 15.76 -18.96 -1.45
CA LEU B 216 15.04 -18.03 -0.53
C LEU B 216 13.72 -18.61 -0.08
N VAL B 217 13.28 -18.20 1.10
CA VAL B 217 11.97 -18.51 1.62
C VAL B 217 11.28 -17.22 2.06
N LEU B 218 9.97 -17.15 1.79
CA LEU B 218 9.14 -16.10 2.34
C LEU B 218 8.30 -16.76 3.42
N ASN B 219 8.37 -16.20 4.59
CA ASN B 219 7.57 -16.67 5.71
C ASN B 219 7.12 -15.48 6.50
N ASP B 220 5.80 -15.33 6.65
CA ASP B 220 5.22 -14.26 7.45
C ASP B 220 5.68 -12.85 7.01
N GLY B 221 5.92 -12.69 5.72
CA GLY B 221 6.42 -11.42 5.16
C GLY B 221 7.90 -11.15 5.41
N VAL B 222 8.65 -12.15 5.89
CA VAL B 222 10.11 -12.06 6.04
C VAL B 222 10.81 -12.89 5.03
N LEU B 223 11.83 -12.30 4.39
CA LEU B 223 12.61 -13.01 3.44
C LEU B 223 13.83 -13.65 4.12
N TRP B 224 14.00 -14.95 3.88
CA TRP B 224 15.06 -15.79 4.48
C TRP B 224 16.00 -16.30 3.45
N ASP B 225 17.31 -16.24 3.74
CA ASP B 225 18.31 -16.87 2.91
C ASP B 225 18.43 -18.34 3.46
N VAL B 226 18.12 -19.35 2.62
CA VAL B 226 17.99 -20.71 3.12
C VAL B 226 19.40 -21.25 3.56
N ARG B 227 20.43 -20.88 2.81
CA ARG B 227 21.75 -21.44 3.07
C ARG B 227 22.27 -21.02 4.47
N SER B 228 22.11 -19.75 4.80
CA SER B 228 22.50 -19.23 6.12
C SER B 228 21.42 -19.47 7.18
N ALA B 229 20.21 -19.77 6.72
CA ALA B 229 19.04 -19.90 7.64
C ALA B 229 18.72 -18.67 8.52
N LEU B 230 18.90 -17.53 7.91
CA LEU B 230 18.72 -16.22 8.52
C LEU B 230 17.97 -15.27 7.63
N ALA B 231 17.20 -14.41 8.29
CA ALA B 231 16.42 -13.36 7.62
C ALA B 231 17.31 -12.33 6.98
N ILE B 232 16.98 -11.96 5.76
CA ILE B 232 17.72 -10.95 4.99
C ILE B 232 16.91 -9.71 4.73
N HIS B 233 15.59 -9.74 4.92
CA HIS B 233 14.74 -8.55 4.74
C HIS B 233 13.38 -8.81 5.38
N LYS B 234 12.79 -7.76 5.96
CA LYS B 234 11.42 -7.81 6.39
C LYS B 234 10.57 -6.85 5.56
N PHE B 235 9.49 -7.36 4.94
CA PHE B 235 8.55 -6.52 4.22
C PHE B 235 7.51 -6.04 5.22
N ASP B 236 7.24 -4.73 5.19
CA ASP B 236 6.36 -4.14 6.18
C ASP B 236 4.92 -4.63 5.98
N LYS B 237 4.17 -4.60 7.06
CA LYS B 237 2.85 -5.18 7.15
C LYS B 237 1.79 -4.15 6.74
N PHE B 238 1.04 -4.47 5.68
CA PHE B 238 0.00 -3.58 5.12
C PHE B 238 -1.37 -4.19 5.03
N ASN B 239 -1.51 -5.40 5.55
CA ASN B 239 -2.79 -6.07 5.67
C ASN B 239 -2.66 -7.08 6.81
N MET B 240 -3.81 -7.61 7.25
CA MET B 240 -3.83 -8.51 8.39
C MET B 240 -3.64 -9.98 8.08
N ASN B 241 -3.89 -10.39 6.86
CA ASN B 241 -4.03 -11.81 6.54
C ASN B 241 -3.01 -12.44 5.58
N ILE B 242 -2.81 -11.76 4.47
CA ILE B 242 -2.13 -12.35 3.32
C ILE B 242 -0.61 -12.13 3.42
N SER B 243 0.19 -13.21 3.34
CA SER B 243 1.60 -13.18 3.63
C SER B 243 2.48 -13.07 2.33
N GLY B 244 1.97 -13.56 1.21
CA GLY B 244 2.61 -13.34 -0.08
C GLY B 244 3.17 -14.56 -0.73
N VAL B 245 3.52 -14.40 -2.01
CA VAL B 245 4.14 -15.43 -2.85
C VAL B 245 5.26 -14.83 -3.68
N PHE B 246 6.16 -15.70 -4.14
CA PHE B 246 7.12 -15.29 -5.16
C PHE B 246 6.46 -15.32 -6.51
N HIS B 247 6.78 -14.35 -7.34
CA HIS B 247 6.48 -14.45 -8.76
C HIS B 247 7.36 -15.56 -9.39
N PRO B 248 6.77 -16.36 -10.29
CA PRO B 248 7.59 -17.39 -10.92
C PRO B 248 8.78 -16.83 -11.73
N ASN B 249 8.80 -15.55 -12.07
CA ASN B 249 9.97 -14.95 -12.70
C ASN B 249 11.21 -14.84 -11.79
N GLY B 250 11.07 -15.04 -10.47
CA GLY B 250 12.17 -14.96 -9.54
C GLY B 250 12.64 -13.57 -9.16
N LEU B 251 11.99 -12.55 -9.69
CA LEU B 251 12.47 -11.17 -9.52
C LEU B 251 11.64 -10.30 -8.56
N GLU B 252 10.42 -10.76 -8.27
CA GLU B 252 9.54 -9.99 -7.42
CA GLU B 252 9.38 -9.99 -7.59
C GLU B 252 8.73 -10.84 -6.50
N VAL B 253 8.25 -10.21 -5.42
CA VAL B 253 7.35 -10.85 -4.49
C VAL B 253 6.03 -10.13 -4.49
N ILE B 254 4.94 -10.88 -4.37
CA ILE B 254 3.63 -10.34 -4.45
C ILE B 254 3.04 -10.56 -3.06
N ILE B 255 2.91 -9.46 -2.33
CA ILE B 255 2.39 -9.50 -0.96
C ILE B 255 1.10 -8.69 -0.87
N ASN B 256 -0.02 -9.41 -1.02
CA ASN B 256 -1.35 -8.74 -1.10
C ASN B 256 -1.36 -7.74 -2.26
N THR B 257 -1.57 -6.46 -2.00
CA THR B 257 -1.71 -5.48 -3.04
C THR B 257 -0.32 -4.87 -3.40
N GLU B 258 0.75 -5.27 -2.73
CA GLU B 258 2.12 -4.69 -3.00
C GLU B 258 2.98 -5.66 -3.78
N ILE B 259 3.58 -5.20 -4.88
CA ILE B 259 4.50 -6.03 -5.62
C ILE B 259 5.89 -5.38 -5.39
N TRP B 260 6.77 -6.09 -4.71
CA TRP B 260 8.09 -5.62 -4.36
C TRP B 260 9.20 -6.24 -5.22
N ASP B 261 10.19 -5.41 -5.55
CA ASP B 261 11.43 -5.86 -6.26
C ASP B 261 12.35 -6.59 -5.30
N LEU B 262 12.82 -7.77 -5.65
CA LEU B 262 13.74 -8.47 -4.76
C LEU B 262 15.15 -7.89 -4.70
N ARG B 263 15.58 -7.21 -5.73
CA ARG B 263 16.90 -6.65 -5.74
C ARG B 263 16.98 -5.40 -4.90
N THR B 264 16.06 -4.46 -5.15
CA THR B 264 16.05 -3.14 -4.55
C THR B 264 15.11 -2.98 -3.34
N PHE B 265 14.15 -3.90 -3.23
CA PHE B 265 13.06 -3.82 -2.27
C PHE B 265 12.11 -2.60 -2.47
N HIS B 266 12.20 -1.99 -3.64
CA HIS B 266 11.26 -0.95 -4.06
C HIS B 266 9.93 -1.50 -4.40
N LEU B 267 8.92 -0.63 -4.26
CA LEU B 267 7.55 -0.99 -4.65
C LEU B 267 7.49 -0.80 -6.15
N LEU B 268 7.16 -1.88 -6.88
CA LEU B 268 7.04 -1.86 -8.35
C LEU B 268 5.60 -1.64 -8.84
N HIS B 269 4.61 -2.17 -8.12
CA HIS B 269 3.23 -2.05 -8.47
C HIS B 269 2.38 -2.05 -7.20
N THR B 270 1.29 -1.33 -7.33
CA THR B 270 0.16 -1.35 -6.34
C THR B 270 -1.02 -1.94 -7.14
N VAL B 271 -1.59 -3.02 -6.66
CA VAL B 271 -2.64 -3.71 -7.42
C VAL B 271 -3.80 -3.97 -6.46
N PRO B 272 -4.68 -2.96 -6.27
CA PRO B 272 -5.69 -3.08 -5.24
C PRO B 272 -6.64 -4.26 -5.46
N ALA B 273 -6.80 -4.69 -6.71
CA ALA B 273 -7.72 -5.81 -7.01
C ALA B 273 -7.24 -7.16 -6.40
N LEU B 274 -5.98 -7.20 -5.95
CA LEU B 274 -5.40 -8.41 -5.31
C LEU B 274 -5.63 -8.50 -3.83
N ASP B 275 -6.31 -7.49 -3.27
CA ASP B 275 -6.56 -7.45 -1.82
C ASP B 275 -7.34 -8.69 -1.38
N GLN B 276 -6.74 -9.38 -0.41
CA GLN B 276 -7.31 -10.61 0.21
C GLN B 276 -7.46 -11.75 -0.75
N CYS B 277 -6.66 -11.73 -1.83
CA CYS B 277 -6.69 -12.81 -2.80
C CYS B 277 -5.64 -13.88 -2.55
N ARG B 278 -6.09 -15.11 -2.79
CA ARG B 278 -5.18 -16.17 -3.10
C ARG B 278 -4.79 -16.00 -4.58
N VAL B 279 -3.54 -16.20 -4.86
CA VAL B 279 -3.00 -15.96 -6.20
C VAL B 279 -2.51 -17.33 -6.69
N VAL B 280 -2.87 -17.69 -7.92
CA VAL B 280 -2.42 -18.95 -8.59
C VAL B 280 -1.91 -18.56 -9.97
N PHE B 281 -0.71 -19.01 -10.35
CA PHE B 281 -0.24 -18.79 -11.72
C PHE B 281 -0.52 -19.99 -12.59
N ASN B 282 -0.70 -19.75 -13.91
CA ASN B 282 -0.75 -20.88 -14.84
C ASN B 282 0.65 -21.46 -14.92
N HIS B 283 0.80 -22.60 -15.56
CA HIS B 283 2.11 -23.29 -15.46
C HIS B 283 3.22 -22.60 -16.21
N THR B 284 2.86 -21.88 -17.26
CA THR B 284 3.83 -21.03 -17.97
C THR B 284 4.18 -19.71 -17.26
N GLY B 285 3.45 -19.32 -16.22
CA GLY B 285 3.73 -18.06 -15.51
C GLY B 285 3.44 -16.80 -16.32
N THR B 286 2.46 -16.88 -17.22
CA THR B 286 2.07 -15.75 -18.01
C THR B 286 0.75 -15.14 -17.55
N VAL B 287 -0.07 -15.89 -16.79
CA VAL B 287 -1.35 -15.42 -16.35
C VAL B 287 -1.48 -15.72 -14.87
N MET B 288 -1.94 -14.72 -14.11
CA MET B 288 -2.19 -14.87 -12.70
C MET B 288 -3.69 -14.85 -12.40
N TYR B 289 -4.13 -15.82 -11.60
CA TYR B 289 -5.52 -15.89 -11.12
C TYR B 289 -5.58 -15.38 -9.69
N GLY B 290 -6.52 -14.47 -9.41
CA GLY B 290 -6.71 -13.95 -8.04
C GLY B 290 -8.15 -14.14 -7.63
N ALA B 291 -8.34 -14.89 -6.55
CA ALA B 291 -9.68 -15.18 -6.05
C ALA B 291 -9.76 -14.65 -4.61
N MET B 292 -10.72 -13.76 -4.37
CA MET B 292 -10.74 -13.02 -3.12
C MET B 292 -11.44 -13.81 -2.04
N LEU B 293 -10.80 -13.85 -0.88
CA LEU B 293 -11.38 -14.52 0.28
C LEU B 293 -12.64 -13.84 0.78
N GLN B 294 -13.58 -14.63 1.29
CA GLN B 294 -14.68 -14.03 2.06
C GLN B 294 -14.09 -13.80 3.48
CA LYS B 307 -17.95 -21.69 5.12
C LYS B 307 -17.14 -21.77 3.81
N SER B 308 -17.72 -21.29 2.71
CA SER B 308 -16.95 -21.30 1.47
C SER B 308 -15.84 -20.21 1.56
N PRO B 309 -14.60 -20.58 1.25
CA PRO B 309 -13.45 -19.67 1.42
C PRO B 309 -13.46 -18.47 0.46
N PHE B 310 -14.05 -18.62 -0.71
CA PHE B 310 -14.06 -17.56 -1.72
C PHE B 310 -15.49 -17.21 -2.11
N GLY B 311 -15.58 -16.07 -2.76
CA GLY B 311 -16.81 -15.62 -3.44
C GLY B 311 -17.02 -16.32 -4.77
N SER B 312 -17.92 -15.78 -5.58
CA SER B 312 -18.33 -16.41 -6.81
C SER B 312 -17.51 -16.01 -7.99
N SER B 313 -16.58 -15.07 -7.83
CA SER B 313 -15.81 -14.61 -9.01
C SER B 313 -14.33 -14.69 -8.76
N PHE B 314 -13.60 -14.75 -9.86
CA PHE B 314 -12.15 -14.63 -9.83
C PHE B 314 -11.71 -13.73 -11.01
N ARG B 315 -10.50 -13.18 -10.88
CA ARG B 315 -9.93 -12.37 -11.92
C ARG B 315 -8.64 -12.92 -12.41
N THR B 316 -8.33 -12.63 -13.68
CA THR B 316 -7.05 -12.89 -14.23
C THR B 316 -6.33 -11.65 -14.58
N PHE B 317 -5.01 -11.72 -14.45
CA PHE B 317 -4.13 -10.61 -14.73
C PHE B 317 -2.98 -11.05 -15.58
N ASN B 318 -2.46 -10.15 -16.38
CA ASN B 318 -1.23 -10.41 -17.09
C ASN B 318 -0.05 -10.47 -16.09
N ALA B 319 0.72 -11.55 -16.11
CA ALA B 319 1.79 -11.75 -15.11
C ALA B 319 3.00 -10.81 -15.26
N THR B 320 3.17 -10.19 -16.42
CA THR B 320 4.28 -9.29 -16.60
C THR B 320 4.01 -7.88 -16.12
N ASP B 321 2.79 -7.39 -16.31
CA ASP B 321 2.51 -6.02 -15.95
C ASP B 321 1.30 -5.87 -15.03
N TYR B 322 0.78 -6.97 -14.53
CA TYR B 322 -0.40 -6.98 -13.66
C TYR B 322 -1.67 -6.33 -14.17
N LYS B 323 -1.77 -6.14 -15.49
CA LYS B 323 -2.96 -5.57 -16.06
C LYS B 323 -4.09 -6.61 -16.10
N PRO B 324 -5.30 -6.18 -15.75
CA PRO B 324 -6.46 -7.08 -15.80
C PRO B 324 -6.68 -7.67 -17.18
N ILE B 325 -7.10 -8.93 -17.21
CA ILE B 325 -7.48 -9.62 -18.43
C ILE B 325 -8.96 -9.85 -18.41
N ALA B 326 -9.45 -10.59 -17.42
CA ALA B 326 -10.85 -10.91 -17.37
C ALA B 326 -11.37 -10.98 -15.92
N THR B 327 -12.68 -10.83 -15.78
CA THR B 327 -13.35 -11.14 -14.52
C THR B 327 -14.42 -12.19 -14.80
N ILE B 328 -14.37 -13.30 -14.09
CA ILE B 328 -15.23 -14.45 -14.37
C ILE B 328 -16.10 -14.69 -13.14
N ASP B 329 -17.41 -14.63 -13.30
CA ASP B 329 -18.31 -14.92 -12.20
C ASP B 329 -19.02 -16.21 -12.53
N VAL B 330 -18.81 -17.26 -11.73
CA VAL B 330 -19.50 -18.55 -11.98
C VAL B 330 -20.83 -18.65 -11.22
N LYS B 331 -21.23 -17.58 -10.52
CA LYS B 331 -22.54 -17.44 -9.88
C LYS B 331 -22.79 -18.42 -8.72
N ARG B 332 -21.74 -19.13 -8.29
CA ARG B 332 -21.76 -20.04 -7.15
C ARG B 332 -20.46 -19.73 -6.45
N ASN B 333 -20.47 -19.76 -5.13
CA ASN B 333 -19.25 -19.58 -4.34
C ASN B 333 -18.23 -20.68 -4.57
N ILE B 334 -16.98 -20.26 -4.55
CA ILE B 334 -15.88 -21.08 -4.97
C ILE B 334 -15.11 -21.63 -3.76
N PHE B 335 -14.81 -22.93 -3.79
CA PHE B 335 -13.92 -23.53 -2.81
C PHE B 335 -12.46 -23.56 -3.20
N ASP B 336 -12.18 -23.77 -4.49
CA ASP B 336 -10.83 -23.94 -4.95
C ASP B 336 -10.85 -23.82 -6.48
N LEU B 337 -9.68 -23.57 -7.03
CA LEU B 337 -9.48 -23.60 -8.48
C LEU B 337 -8.05 -23.98 -8.80
N CYS B 338 -7.82 -24.66 -9.91
CA CYS B 338 -6.47 -25.03 -10.27
C CYS B 338 -6.36 -25.18 -11.79
N THR B 339 -5.14 -25.12 -12.31
CA THR B 339 -4.97 -25.42 -13.73
C THR B 339 -4.15 -26.70 -13.91
N ASP B 340 -4.22 -27.24 -15.14
CA ASP B 340 -3.46 -28.40 -15.56
C ASP B 340 -2.09 -27.94 -15.98
N THR B 341 -1.15 -28.86 -16.10
CA THR B 341 0.20 -28.43 -16.44
C THR B 341 0.31 -27.96 -17.89
N LYS B 342 -0.61 -28.35 -18.78
CA LYS B 342 -0.60 -27.88 -20.16
C LYS B 342 -1.35 -26.56 -20.36
N ASP B 343 -1.96 -26.10 -19.30
CA ASP B 343 -2.77 -24.89 -19.31
C ASP B 343 -3.97 -24.86 -20.25
N CYS B 344 -4.51 -26.03 -20.58
CA CYS B 344 -5.72 -26.17 -21.38
CA CYS B 344 -5.72 -26.05 -21.41
C CYS B 344 -6.97 -25.89 -20.60
N TYR B 345 -6.90 -26.12 -19.30
CA TYR B 345 -8.11 -26.12 -18.47
C TYR B 345 -7.99 -25.42 -17.12
N LEU B 346 -9.13 -25.03 -16.55
CA LEU B 346 -9.27 -24.56 -15.20
C LEU B 346 -10.36 -25.42 -14.54
N ALA B 347 -10.03 -26.05 -13.44
CA ALA B 347 -11.02 -26.79 -12.66
C ALA B 347 -11.41 -25.94 -11.47
N VAL B 348 -12.71 -25.84 -11.22
CA VAL B 348 -13.24 -25.05 -10.13
C VAL B 348 -14.21 -25.87 -9.30
N ILE B 349 -14.07 -25.75 -7.99
CA ILE B 349 -15.04 -26.31 -7.05
C ILE B 349 -16.06 -25.24 -6.66
N GLU B 350 -17.35 -25.47 -6.97
CA GLU B 350 -18.43 -24.45 -6.87
C GLU B 350 -19.51 -25.04 -6.00
N ASN B 351 -19.99 -24.23 -5.06
CA ASN B 351 -21.01 -24.71 -4.14
C ASN B 351 -22.41 -24.44 -4.69
N GLN B 352 -23.23 -25.49 -4.83
CA GLN B 352 -24.64 -25.37 -5.20
C GLN B 352 -25.49 -24.98 -3.96
N GLY B 353 -25.09 -25.37 -2.76
CA GLY B 353 -25.98 -25.33 -1.56
N ASN B 359 -25.52 -26.80 5.15
CA ASN B 359 -24.57 -27.72 4.53
C ASN B 359 -24.18 -27.42 3.04
N MET B 360 -23.08 -28.03 2.64
CA MET B 360 -22.49 -27.77 1.35
C MET B 360 -22.99 -28.83 0.35
N ASP B 361 -22.86 -28.50 -0.93
CA ASP B 361 -23.12 -29.43 -1.98
C ASP B 361 -22.31 -28.94 -3.21
N THR B 362 -21.03 -29.26 -3.25
CA THR B 362 -20.13 -28.78 -4.29
C THR B 362 -20.10 -29.68 -5.49
N VAL B 363 -19.81 -29.04 -6.63
CA VAL B 363 -19.51 -29.72 -7.86
C VAL B 363 -18.16 -29.23 -8.35
N CYS B 364 -17.60 -29.99 -9.25
CA CYS B 364 -16.37 -29.62 -9.96
C CYS B 364 -16.73 -29.34 -11.40
N ARG B 365 -16.42 -28.14 -11.85
CA ARG B 365 -16.60 -27.84 -13.28
C ARG B 365 -15.24 -27.68 -13.87
N LEU B 366 -15.09 -28.28 -15.05
CA LEU B 366 -13.88 -28.12 -15.86
C LEU B 366 -14.17 -27.16 -16.99
N TYR B 367 -13.36 -26.10 -17.13
CA TYR B 367 -13.57 -25.07 -18.16
C TYR B 367 -12.36 -25.14 -19.07
N GLU B 368 -12.60 -24.93 -20.33
CA GLU B 368 -11.50 -24.77 -21.27
C GLU B 368 -11.04 -23.32 -21.31
N VAL B 369 -9.74 -23.08 -21.17
CA VAL B 369 -9.21 -21.73 -21.29
C VAL B 369 -8.44 -21.60 -22.62
#